data_1M9B
#
_entry.id   1M9B
#
_cell.length_a   116.567
_cell.length_b   116.567
_cell.length_c   78.748
_cell.angle_alpha   90.00
_cell.angle_beta   90.00
_cell.angle_gamma   120.00
#
_symmetry.space_group_name_H-M   'P 63 2 2'
#
loop_
_entity.id
_entity.type
_entity.pdbx_description
1 polymer 'Glutathione S-Transferase 26 kDa'
2 non-polymer GAMMA-GLUTAMYL[S-(2-IODOBENZYL)CYSTEINYL]GLYCINE
3 water water
#
_entity_poly.entity_id   1
_entity_poly.type   'polypeptide(L)'
_entity_poly.pdbx_seq_one_letter_code
;MSPILGYWKIKGLVQPTRLLLEYLEEKYEEHLYERDEGDKWRNKKFELGLEFPNLPYYIDGDVKLTQSMAIIRYIADKHN
MLGGCPKERAEISMLEGAVLDIRYGVSRIAYSKDFETLKVDFLSKLPEMLKMFEDRLCHKTYLNGDHVTHPDFMLYDALD
VVLYMDPMCLDAFPKLVCFKKRIEAIPQIDKYLKSSKYIAWPLQGWQATFGGGDHPPK
;
_entity_poly.pdbx_strand_id   A
#
loop_
_chem_comp.id
_chem_comp.type
_chem_comp.name
_chem_comp.formula
IBG non-polymer GAMMA-GLUTAMYL[S-(2-IODOBENZYL)CYSTEINYL]GLYCINE 'C17 H22 I N3 O6 S'
#
# COMPACT_ATOMS: atom_id res chain seq x y z
N MET A 1 -12.73 -22.36 -4.44
CA MET A 1 -13.22 -21.07 -3.85
C MET A 1 -12.10 -20.03 -3.79
N SER A 2 -12.31 -18.92 -4.50
CA SER A 2 -11.34 -17.82 -4.56
C SER A 2 -11.24 -17.02 -3.26
N PRO A 3 -10.01 -16.72 -2.81
CA PRO A 3 -9.74 -15.96 -1.59
C PRO A 3 -10.52 -14.65 -1.55
N ILE A 4 -11.02 -14.28 -0.38
CA ILE A 4 -11.76 -13.04 -0.23
C ILE A 4 -10.90 -12.01 0.49
N LEU A 5 -10.90 -10.79 -0.02
CA LEU A 5 -10.13 -9.70 0.58
C LEU A 5 -11.11 -8.59 0.94
N GLY A 6 -11.37 -8.40 2.22
CA GLY A 6 -12.31 -7.36 2.63
C GLY A 6 -11.66 -6.06 3.02
N TYR A 7 -12.35 -4.95 2.78
CA TYR A 7 -11.82 -3.62 3.12
C TYR A 7 -12.74 -2.51 2.64
N TRP A 8 -12.46 -1.28 3.07
CA TRP A 8 -13.24 -0.13 2.63
C TRP A 8 -12.96 0.05 1.14
N LYS A 9 -13.84 0.76 0.43
CA LYS A 9 -13.62 0.98 -0.99
C LYS A 9 -12.77 2.22 -1.14
N ILE A 10 -11.55 2.14 -0.60
CA ILE A 10 -10.56 3.21 -0.64
C ILE A 10 -9.22 2.55 -0.92
N LYS A 11 -8.15 3.33 -0.99
CA LYS A 11 -6.84 2.72 -1.21
C LYS A 11 -6.37 2.23 0.14
N GLY A 12 -6.26 3.16 1.08
CA GLY A 12 -5.86 2.83 2.45
C GLY A 12 -4.67 1.93 2.66
N LEU A 13 -4.83 0.98 3.57
CA LEU A 13 -3.77 0.03 3.92
C LEU A 13 -3.69 -1.22 3.06
N VAL A 14 -4.65 -1.41 2.16
CA VAL A 14 -4.67 -2.61 1.33
C VAL A 14 -4.23 -2.45 -0.13
N GLN A 15 -4.14 -1.21 -0.62
CA GLN A 15 -3.74 -0.96 -2.01
C GLN A 15 -2.51 -1.78 -2.44
N PRO A 16 -1.43 -1.76 -1.64
CA PRO A 16 -0.22 -2.52 -1.98
C PRO A 16 -0.48 -4.02 -2.12
N THR A 17 -1.41 -4.54 -1.31
CA THR A 17 -1.75 -5.96 -1.34
C THR A 17 -2.52 -6.29 -2.61
N ARG A 18 -3.41 -5.39 -3.01
CA ARG A 18 -4.17 -5.61 -4.24
C ARG A 18 -3.13 -5.76 -5.36
N LEU A 19 -2.25 -4.77 -5.46
CA LEU A 19 -1.20 -4.77 -6.48
C LEU A 19 -0.33 -6.03 -6.50
N LEU A 20 0.04 -6.58 -5.34
CA LEU A 20 0.86 -7.80 -5.30
C LEU A 20 0.07 -8.99 -5.87
N LEU A 21 -1.23 -9.03 -5.57
CA LEU A 21 -2.11 -10.09 -6.05
C LEU A 21 -2.19 -10.04 -7.57
N GLU A 22 -2.38 -8.83 -8.10
CA GLU A 22 -2.44 -8.64 -9.54
C GLU A 22 -1.12 -9.07 -10.17
N TYR A 23 -0.01 -8.62 -9.60
CA TYR A 23 1.30 -8.96 -10.10
C TYR A 23 1.52 -10.47 -10.21
N LEU A 24 1.18 -11.19 -9.15
CA LEU A 24 1.35 -12.63 -9.10
C LEU A 24 0.27 -13.33 -9.92
N GLU A 25 -0.67 -12.55 -10.43
CA GLU A 25 -1.75 -13.09 -11.23
C GLU A 25 -2.58 -14.09 -10.43
N GLU A 26 -2.83 -13.74 -9.18
CA GLU A 26 -3.63 -14.57 -8.30
C GLU A 26 -5.08 -14.18 -8.47
N LYS A 27 -5.98 -15.13 -8.27
CA LYS A 27 -7.40 -14.84 -8.39
C LYS A 27 -7.95 -14.58 -7.00
N TYR A 28 -8.84 -13.61 -6.89
CA TYR A 28 -9.41 -13.27 -5.60
C TYR A 28 -10.65 -12.40 -5.78
N GLU A 29 -11.52 -12.42 -4.79
CA GLU A 29 -12.74 -11.61 -4.81
C GLU A 29 -12.61 -10.57 -3.71
N GLU A 30 -13.31 -9.45 -3.86
CA GLU A 30 -13.25 -8.40 -2.86
C GLU A 30 -14.61 -8.09 -2.26
N HIS A 31 -14.61 -7.91 -0.94
CA HIS A 31 -15.79 -7.54 -0.17
C HIS A 31 -15.53 -6.08 0.19
N LEU A 32 -16.02 -5.17 -0.65
CA LEU A 32 -15.80 -3.75 -0.43
C LEU A 32 -16.94 -3.07 0.32
N TYR A 33 -16.60 -2.29 1.34
CA TYR A 33 -17.62 -1.58 2.10
C TYR A 33 -17.67 -0.10 1.71
N GLU A 34 -18.82 0.33 1.19
CA GLU A 34 -19.00 1.71 0.76
C GLU A 34 -18.93 2.65 1.96
N ARG A 35 -18.80 3.94 1.69
CA ARG A 35 -18.71 4.94 2.74
C ARG A 35 -19.82 4.82 3.79
N ASP A 36 -21.03 4.53 3.33
CA ASP A 36 -22.19 4.39 4.22
C ASP A 36 -22.47 2.97 4.72
N GLU A 37 -21.57 2.03 4.49
CA GLU A 37 -21.80 0.66 4.93
C GLU A 37 -21.19 0.33 6.29
N GLY A 38 -20.72 1.36 6.99
CA GLY A 38 -20.12 1.14 8.30
C GLY A 38 -20.89 0.14 9.15
N ASP A 39 -22.22 0.24 9.09
CA ASP A 39 -23.10 -0.64 9.85
C ASP A 39 -23.14 -2.05 9.26
N LYS A 40 -23.08 -2.14 7.94
CA LYS A 40 -23.09 -3.43 7.27
C LYS A 40 -21.86 -4.22 7.71
N TRP A 41 -20.77 -3.51 8.02
CA TRP A 41 -19.55 -4.16 8.45
C TRP A 41 -19.57 -4.53 9.94
N ARG A 42 -20.11 -3.63 10.77
CA ARG A 42 -20.18 -3.90 12.19
C ARG A 42 -21.00 -5.13 12.51
N ASN A 43 -22.02 -5.40 11.71
CA ASN A 43 -22.87 -6.56 11.92
C ASN A 43 -22.24 -7.86 11.44
N LYS A 44 -21.07 -7.76 10.81
CA LYS A 44 -20.38 -8.95 10.30
C LYS A 44 -19.03 -9.16 11.01
N LYS A 45 -18.52 -8.08 11.59
CA LYS A 45 -17.23 -8.07 12.28
C LYS A 45 -16.89 -9.33 13.09
N PHE A 46 -17.78 -9.72 14.00
CA PHE A 46 -17.51 -10.89 14.83
C PHE A 46 -18.19 -12.16 14.35
N GLU A 47 -18.49 -12.25 13.05
CA GLU A 47 -19.16 -13.42 12.50
C GLU A 47 -18.37 -14.12 11.39
N LEU A 48 -17.16 -13.65 11.10
CA LEU A 48 -16.34 -14.22 10.04
C LEU A 48 -15.34 -15.31 10.47
N GLY A 49 -15.13 -15.45 11.77
CA GLY A 49 -14.20 -16.44 12.25
C GLY A 49 -12.79 -15.89 12.37
N LEU A 50 -12.69 -14.57 12.47
CA LEU A 50 -11.40 -13.90 12.59
C LEU A 50 -11.01 -13.80 14.05
N GLU A 51 -9.82 -14.30 14.40
CA GLU A 51 -9.36 -14.23 15.79
C GLU A 51 -9.15 -12.80 16.24
N PHE A 52 -8.87 -11.91 15.30
CA PHE A 52 -8.65 -10.50 15.61
C PHE A 52 -9.35 -9.66 14.54
N PRO A 53 -10.68 -9.54 14.65
CA PRO A 53 -11.53 -8.78 13.72
C PRO A 53 -11.05 -7.38 13.39
N ASN A 54 -10.85 -7.11 12.10
CA ASN A 54 -10.40 -5.79 11.66
C ASN A 54 -10.45 -5.70 10.14
N LEU A 55 -10.23 -4.49 9.63
CA LEU A 55 -10.20 -4.25 8.18
C LEU A 55 -8.80 -3.76 7.83
N PRO A 56 -8.18 -4.37 6.82
CA PRO A 56 -8.65 -5.48 5.98
C PRO A 56 -8.57 -6.88 6.59
N TYR A 57 -9.20 -7.83 5.91
CA TYR A 57 -9.17 -9.22 6.30
C TYR A 57 -8.96 -10.03 5.02
N TYR A 58 -8.48 -11.26 5.17
CA TYR A 58 -8.23 -12.10 4.01
C TYR A 58 -8.65 -13.52 4.38
N ILE A 59 -9.59 -14.06 3.62
CA ILE A 59 -10.11 -15.39 3.89
C ILE A 59 -10.12 -16.31 2.67
N ASP A 60 -9.44 -17.45 2.79
CA ASP A 60 -9.41 -18.44 1.73
C ASP A 60 -9.45 -19.82 2.35
N GLY A 61 -9.43 -20.85 1.52
CA GLY A 61 -9.50 -22.21 2.02
C GLY A 61 -8.50 -22.60 3.09
N ASP A 62 -7.44 -21.83 3.26
CA ASP A 62 -6.43 -22.16 4.26
C ASP A 62 -6.39 -21.28 5.52
N VAL A 63 -6.44 -19.98 5.34
CA VAL A 63 -6.36 -19.10 6.50
C VAL A 63 -7.41 -18.01 6.58
N LYS A 64 -7.43 -17.37 7.75
CA LYS A 64 -8.33 -16.25 8.04
C LYS A 64 -7.41 -15.30 8.75
N LEU A 65 -7.04 -14.22 8.08
CA LEU A 65 -6.11 -13.26 8.66
C LEU A 65 -6.60 -11.83 8.71
N THR A 66 -5.96 -11.05 9.58
CA THR A 66 -6.21 -9.61 9.72
C THR A 66 -4.84 -9.00 9.95
N GLN A 67 -4.76 -7.66 9.84
CA GLN A 67 -3.51 -6.90 9.95
C GLN A 67 -2.89 -6.92 8.54
N SER A 68 -3.09 -5.82 7.83
CA SER A 68 -2.63 -5.67 6.47
C SER A 68 -1.22 -6.17 6.17
N MET A 69 -0.28 -6.03 7.11
CA MET A 69 1.08 -6.49 6.87
C MET A 69 1.22 -7.99 6.96
N ALA A 70 0.39 -8.62 7.78
CA ALA A 70 0.43 -10.06 7.91
C ALA A 70 -0.13 -10.66 6.63
N ILE A 71 -1.07 -9.95 6.02
CA ILE A 71 -1.71 -10.43 4.79
C ILE A 71 -0.80 -10.32 3.55
N ILE A 72 -0.19 -9.16 3.34
CA ILE A 72 0.68 -9.00 2.20
C ILE A 72 1.88 -9.94 2.32
N ARG A 73 2.40 -10.14 3.53
CA ARG A 73 3.54 -11.03 3.72
C ARG A 73 3.14 -12.49 3.47
N TYR A 74 1.90 -12.84 3.79
CA TYR A 74 1.41 -14.20 3.58
C TYR A 74 1.36 -14.52 2.08
N ILE A 75 0.74 -13.62 1.32
CA ILE A 75 0.64 -13.78 -0.13
C ILE A 75 2.04 -13.84 -0.76
N ALA A 76 2.98 -13.08 -0.22
CA ALA A 76 4.35 -13.08 -0.75
C ALA A 76 5.05 -14.37 -0.33
N ASP A 77 4.83 -14.76 0.93
CA ASP A 77 5.44 -15.96 1.49
C ASP A 77 5.02 -17.21 0.73
N LYS A 78 3.76 -17.25 0.31
CA LYS A 78 3.23 -18.38 -0.44
C LYS A 78 3.84 -18.47 -1.85
N HIS A 79 4.71 -17.52 -2.18
CA HIS A 79 5.38 -17.51 -3.48
C HIS A 79 6.89 -17.42 -3.28
N ASN A 80 7.31 -17.76 -2.07
CA ASN A 80 8.72 -17.76 -1.69
C ASN A 80 9.40 -16.43 -1.98
N MET A 81 8.72 -15.34 -1.65
CA MET A 81 9.22 -13.99 -1.89
C MET A 81 9.75 -13.24 -0.68
N LEU A 82 9.60 -13.79 0.52
CA LEU A 82 10.06 -13.12 1.74
C LEU A 82 11.57 -13.13 2.04
N GLY A 83 12.35 -13.86 1.24
CA GLY A 83 13.78 -13.92 1.47
C GLY A 83 14.26 -15.34 1.69
N GLY A 84 15.43 -15.66 1.16
CA GLY A 84 15.98 -17.02 1.28
C GLY A 84 16.83 -17.35 2.50
N CYS A 85 17.12 -16.35 3.33
CA CYS A 85 17.91 -16.57 4.54
C CYS A 85 17.64 -15.41 5.51
N PRO A 86 18.02 -15.58 6.79
CA PRO A 86 17.80 -14.52 7.78
C PRO A 86 18.21 -13.11 7.35
N LYS A 87 19.43 -12.98 6.83
CA LYS A 87 19.91 -11.68 6.39
C LYS A 87 19.03 -11.02 5.33
N GLU A 88 18.69 -11.77 4.28
CA GLU A 88 17.86 -11.23 3.23
C GLU A 88 16.46 -10.87 3.74
N ARG A 89 15.89 -11.74 4.56
CA ARG A 89 14.57 -11.49 5.12
C ARG A 89 14.54 -10.24 6.01
N ALA A 90 15.66 -9.91 6.63
CA ALA A 90 15.74 -8.72 7.49
C ALA A 90 15.93 -7.46 6.62
N GLU A 91 16.46 -7.66 5.41
CA GLU A 91 16.68 -6.56 4.47
C GLU A 91 15.28 -6.15 3.99
N ILE A 92 14.49 -7.15 3.61
CA ILE A 92 13.14 -6.92 3.14
C ILE A 92 12.23 -6.33 4.23
N SER A 93 12.41 -6.75 5.48
CA SER A 93 11.59 -6.19 6.54
C SER A 93 12.03 -4.76 6.86
N MET A 94 13.31 -4.47 6.62
CA MET A 94 13.78 -3.13 6.86
C MET A 94 13.17 -2.22 5.81
N LEU A 95 13.03 -2.72 4.59
CA LEU A 95 12.44 -1.91 3.53
C LEU A 95 10.96 -1.65 3.85
N GLU A 96 10.27 -2.63 4.45
CA GLU A 96 8.86 -2.45 4.81
C GLU A 96 8.69 -1.28 5.77
N GLY A 97 9.44 -1.31 6.88
CA GLY A 97 9.35 -0.26 7.88
C GLY A 97 9.67 1.13 7.35
N ALA A 98 10.77 1.25 6.62
CA ALA A 98 11.17 2.54 6.07
C ALA A 98 10.06 3.12 5.16
N VAL A 99 9.37 2.26 4.41
CA VAL A 99 8.28 2.73 3.55
C VAL A 99 7.11 3.22 4.41
N LEU A 100 6.75 2.41 5.41
CA LEU A 100 5.65 2.74 6.33
C LEU A 100 5.87 4.06 7.08
N ASP A 101 7.11 4.41 7.37
CA ASP A 101 7.36 5.67 8.05
C ASP A 101 6.78 6.77 7.18
N ILE A 102 7.02 6.68 5.87
CA ILE A 102 6.50 7.67 4.93
C ILE A 102 4.97 7.59 4.85
N ARG A 103 4.47 6.41 4.48
CA ARG A 103 3.03 6.22 4.33
C ARG A 103 2.24 6.58 5.60
N TYR A 104 2.69 6.11 6.75
CA TYR A 104 1.99 6.40 8.00
C TYR A 104 2.24 7.85 8.40
N GLY A 105 3.30 8.44 7.87
CA GLY A 105 3.59 9.83 8.18
C GLY A 105 2.48 10.72 7.65
N VAL A 106 1.91 10.31 6.53
CA VAL A 106 0.81 11.05 5.91
C VAL A 106 -0.48 10.86 6.68
N SER A 107 -0.83 9.61 6.96
CA SER A 107 -2.06 9.31 7.68
C SER A 107 -2.17 9.96 9.05
N ARG A 108 -1.05 10.04 9.77
CA ARG A 108 -1.06 10.62 11.10
C ARG A 108 -1.44 12.11 11.11
N ILE A 109 -1.39 12.77 9.96
CA ILE A 109 -1.75 14.19 9.92
C ILE A 109 -2.90 14.51 8.96
N ALA A 110 -3.25 13.56 8.10
CA ALA A 110 -4.32 13.77 7.12
C ALA A 110 -5.73 13.88 7.70
N TYR A 111 -5.87 13.68 9.00
CA TYR A 111 -7.18 13.75 9.63
C TYR A 111 -7.39 14.96 10.54
N SER A 112 -6.36 15.78 10.68
CA SER A 112 -6.42 16.98 11.52
C SER A 112 -7.00 18.16 10.77
N LYS A 113 -7.71 19.03 11.50
CA LYS A 113 -8.31 20.20 10.87
C LYS A 113 -7.23 21.27 10.64
N ASP A 114 -6.01 20.98 11.07
CA ASP A 114 -4.87 21.90 10.89
C ASP A 114 -3.87 21.27 9.92
N PHE A 115 -4.41 20.57 8.92
CA PHE A 115 -3.58 19.88 7.94
C PHE A 115 -2.45 20.71 7.31
N GLU A 116 -2.75 21.95 6.93
CA GLU A 116 -1.75 22.80 6.29
C GLU A 116 -0.52 23.11 7.13
N THR A 117 -0.71 23.35 8.43
CA THR A 117 0.42 23.62 9.31
C THR A 117 1.25 22.36 9.45
N LEU A 118 0.57 21.24 9.66
CA LEU A 118 1.22 19.94 9.82
C LEU A 118 1.95 19.52 8.55
N LYS A 119 1.29 19.76 7.41
CA LYS A 119 1.81 19.43 6.09
C LYS A 119 3.13 20.13 5.82
N VAL A 120 3.37 21.24 6.51
CA VAL A 120 4.61 22.00 6.33
C VAL A 120 5.80 21.35 7.01
N ASP A 121 5.62 20.93 8.26
CA ASP A 121 6.70 20.29 9.00
C ASP A 121 6.98 18.91 8.39
N PHE A 122 5.95 18.27 7.87
CA PHE A 122 6.11 16.94 7.28
C PHE A 122 6.99 17.00 6.04
N LEU A 123 6.62 17.87 5.12
CA LEU A 123 7.36 18.04 3.87
C LEU A 123 8.78 18.54 4.07
N SER A 124 9.08 18.98 5.29
CA SER A 124 10.41 19.46 5.59
C SER A 124 11.26 18.27 6.01
N LYS A 125 10.59 17.16 6.36
CA LYS A 125 11.28 15.95 6.78
C LYS A 125 11.24 14.84 5.72
N LEU A 126 10.27 14.92 4.82
CA LEU A 126 10.11 13.91 3.76
C LEU A 126 11.37 13.69 2.92
N PRO A 127 12.06 14.77 2.51
CA PRO A 127 13.29 14.64 1.70
C PRO A 127 14.34 13.65 2.21
N GLU A 128 14.73 13.78 3.48
CA GLU A 128 15.72 12.88 4.07
C GLU A 128 15.28 11.42 3.92
N MET A 129 13.98 11.20 4.12
CA MET A 129 13.39 9.88 4.02
C MET A 129 13.46 9.37 2.58
N LEU A 130 13.09 10.22 1.62
CA LEU A 130 13.11 9.83 0.21
C LEU A 130 14.54 9.50 -0.26
N LYS A 131 15.49 10.33 0.11
CA LYS A 131 16.88 10.13 -0.29
C LYS A 131 17.47 8.78 0.13
N MET A 132 16.96 8.17 1.18
CA MET A 132 17.50 6.88 1.59
C MET A 132 17.12 5.89 0.50
N PHE A 133 15.92 6.04 -0.03
CA PHE A 133 15.43 5.17 -1.10
C PHE A 133 16.10 5.55 -2.42
N GLU A 134 16.33 6.84 -2.61
CA GLU A 134 16.99 7.33 -3.82
C GLU A 134 18.37 6.69 -3.94
N ASP A 135 19.05 6.52 -2.82
CA ASP A 135 20.39 5.93 -2.84
C ASP A 135 20.29 4.42 -2.96
N ARG A 136 19.32 3.83 -2.30
CA ARG A 136 19.12 2.39 -2.35
C ARG A 136 18.92 1.95 -3.81
N LEU A 137 18.34 2.84 -4.61
CA LEU A 137 18.05 2.56 -6.02
C LEU A 137 19.12 3.06 -6.97
N CYS A 138 20.24 3.53 -6.41
CA CYS A 138 21.32 4.04 -7.23
C CYS A 138 21.74 3.06 -8.34
N HIS A 139 21.90 1.79 -7.97
CA HIS A 139 22.31 0.80 -8.95
C HIS A 139 21.37 -0.39 -9.11
N LYS A 140 20.30 -0.40 -8.31
CA LYS A 140 19.33 -1.48 -8.37
C LYS A 140 18.12 -1.11 -9.23
N THR A 141 17.46 -2.11 -9.80
CA THR A 141 16.28 -1.88 -10.63
C THR A 141 15.11 -1.74 -9.66
N TYR A 142 15.03 -2.67 -8.71
CA TYR A 142 14.00 -2.68 -7.68
C TYR A 142 14.66 -2.64 -6.31
N LEU A 143 13.86 -2.41 -5.28
CA LEU A 143 14.41 -2.31 -3.92
C LEU A 143 15.30 -3.47 -3.48
N ASN A 144 15.01 -4.70 -3.88
CA ASN A 144 15.85 -5.82 -3.48
C ASN A 144 16.76 -6.38 -4.57
N GLY A 145 16.82 -5.72 -5.73
CA GLY A 145 17.68 -6.21 -6.79
C GLY A 145 17.00 -6.24 -8.14
N ASP A 146 17.18 -7.34 -8.87
CA ASP A 146 16.58 -7.48 -10.19
C ASP A 146 15.14 -7.97 -10.19
N HIS A 147 14.72 -8.56 -9.07
CA HIS A 147 13.36 -9.10 -8.97
C HIS A 147 12.46 -8.30 -8.02
N VAL A 148 11.20 -8.14 -8.41
CA VAL A 148 10.22 -7.41 -7.62
C VAL A 148 9.90 -8.16 -6.32
N THR A 149 9.67 -7.40 -5.25
CA THR A 149 9.32 -7.93 -3.93
C THR A 149 8.17 -7.05 -3.41
N HIS A 150 7.47 -7.46 -2.35
CA HIS A 150 6.34 -6.66 -1.89
C HIS A 150 6.66 -5.23 -1.42
N PRO A 151 7.87 -4.97 -0.89
CA PRO A 151 8.13 -3.59 -0.48
C PRO A 151 8.08 -2.65 -1.69
N ASP A 152 8.32 -3.20 -2.88
CA ASP A 152 8.27 -2.41 -4.11
C ASP A 152 6.89 -1.79 -4.30
N PHE A 153 5.84 -2.58 -4.08
CA PHE A 153 4.48 -2.10 -4.23
C PHE A 153 4.07 -1.16 -3.12
N MET A 154 4.64 -1.35 -1.94
CA MET A 154 4.35 -0.46 -0.83
C MET A 154 4.94 0.90 -1.16
N LEU A 155 6.21 0.93 -1.57
CA LEU A 155 6.86 2.20 -1.89
C LEU A 155 6.11 2.91 -3.00
N TYR A 156 5.68 2.15 -4.00
CA TYR A 156 4.94 2.72 -5.12
C TYR A 156 3.72 3.46 -4.59
N ASP A 157 2.97 2.78 -3.72
CA ASP A 157 1.76 3.34 -3.11
C ASP A 157 2.07 4.59 -2.29
N ALA A 158 3.23 4.63 -1.65
CA ALA A 158 3.60 5.79 -0.85
C ALA A 158 3.94 7.00 -1.73
N LEU A 159 4.57 6.75 -2.88
CA LEU A 159 4.93 7.83 -3.80
C LEU A 159 3.66 8.36 -4.45
N ASP A 160 2.77 7.46 -4.82
CA ASP A 160 1.52 7.86 -5.44
C ASP A 160 0.79 8.80 -4.51
N VAL A 161 0.95 8.59 -3.20
CA VAL A 161 0.30 9.40 -2.18
C VAL A 161 1.01 10.72 -1.88
N VAL A 162 2.30 10.69 -1.57
CA VAL A 162 2.96 11.96 -1.29
C VAL A 162 2.97 12.88 -2.52
N LEU A 163 2.70 12.33 -3.70
CA LEU A 163 2.68 13.15 -4.91
C LEU A 163 1.38 13.95 -5.01
N TYR A 164 0.30 13.45 -4.41
CA TYR A 164 -0.96 14.18 -4.41
C TYR A 164 -0.78 15.35 -3.46
N MET A 165 -0.12 15.09 -2.33
CA MET A 165 0.12 16.13 -1.34
C MET A 165 0.98 17.24 -1.94
N ASP A 166 2.01 16.85 -2.69
CA ASP A 166 2.92 17.80 -3.32
C ASP A 166 3.54 17.22 -4.60
N PRO A 167 2.98 17.57 -5.76
CA PRO A 167 3.42 17.13 -7.08
C PRO A 167 4.91 17.34 -7.38
N MET A 168 5.59 18.14 -6.56
CA MET A 168 7.01 18.41 -6.80
C MET A 168 7.99 17.75 -5.84
N CYS A 169 7.48 16.97 -4.89
CA CYS A 169 8.35 16.33 -3.92
C CYS A 169 9.34 15.32 -4.49
N LEU A 170 9.25 15.02 -5.79
CA LEU A 170 10.20 14.08 -6.39
C LEU A 170 11.12 14.70 -7.44
N ASP A 171 11.04 16.02 -7.60
CA ASP A 171 11.87 16.76 -8.57
C ASP A 171 13.36 16.52 -8.39
N ALA A 172 13.81 16.42 -7.15
CA ALA A 172 15.22 16.20 -6.86
C ALA A 172 15.56 14.71 -6.76
N PHE A 173 14.60 13.85 -7.04
CA PHE A 173 14.83 12.41 -6.93
C PHE A 173 14.50 11.65 -8.21
N PRO A 174 15.36 11.77 -9.22
CA PRO A 174 15.19 11.11 -10.51
C PRO A 174 15.00 9.58 -10.48
N LYS A 175 15.81 8.87 -9.67
CA LYS A 175 15.67 7.41 -9.58
C LYS A 175 14.31 7.00 -9.02
N LEU A 176 13.73 7.82 -8.15
CA LEU A 176 12.43 7.49 -7.58
C LEU A 176 11.34 7.79 -8.61
N VAL A 177 11.54 8.86 -9.38
CA VAL A 177 10.59 9.20 -10.41
C VAL A 177 10.56 8.05 -11.44
N CYS A 178 11.73 7.49 -11.70
CA CYS A 178 11.86 6.39 -12.66
C CYS A 178 11.31 5.10 -12.08
N PHE A 179 11.60 4.83 -10.81
CA PHE A 179 11.10 3.65 -10.14
C PHE A 179 9.58 3.56 -10.29
N LYS A 180 8.91 4.71 -10.09
CA LYS A 180 7.46 4.78 -10.17
C LYS A 180 6.94 4.48 -11.56
N LYS A 181 7.68 4.89 -12.59
CA LYS A 181 7.27 4.62 -13.95
C LYS A 181 7.46 3.14 -14.23
N ARG A 182 8.61 2.62 -13.82
CA ARG A 182 8.95 1.22 -14.03
C ARG A 182 7.93 0.24 -13.45
N ILE A 183 7.33 0.58 -12.31
CA ILE A 183 6.33 -0.28 -11.69
C ILE A 183 5.07 -0.28 -12.57
N GLU A 184 4.79 0.86 -13.18
CA GLU A 184 3.63 1.02 -14.04
C GLU A 184 3.86 0.39 -15.41
N ALA A 185 5.12 0.14 -15.75
CA ALA A 185 5.47 -0.46 -17.03
C ALA A 185 5.39 -1.99 -16.94
N ILE A 186 5.13 -2.51 -15.75
CA ILE A 186 5.01 -3.95 -15.56
C ILE A 186 3.63 -4.31 -16.11
N PRO A 187 3.60 -5.18 -17.14
CA PRO A 187 2.36 -5.63 -17.79
C PRO A 187 1.14 -5.80 -16.88
N GLN A 188 1.25 -6.66 -15.87
CA GLN A 188 0.13 -6.91 -14.97
C GLN A 188 -0.38 -5.67 -14.26
N ILE A 189 0.54 -4.81 -13.82
CA ILE A 189 0.15 -3.59 -13.12
C ILE A 189 -0.57 -2.61 -14.05
N ASP A 190 0.00 -2.40 -15.24
CA ASP A 190 -0.58 -1.49 -16.23
C ASP A 190 -1.98 -1.93 -16.60
N LYS A 191 -2.20 -3.24 -16.68
CA LYS A 191 -3.52 -3.76 -17.01
C LYS A 191 -4.50 -3.41 -15.89
N TYR A 192 -4.08 -3.67 -14.66
CA TYR A 192 -4.90 -3.39 -13.48
C TYR A 192 -5.27 -1.93 -13.37
N LEU A 193 -4.28 -1.06 -13.51
CA LEU A 193 -4.51 0.37 -13.41
C LEU A 193 -5.50 0.89 -14.44
N LYS A 194 -5.65 0.15 -15.54
CA LYS A 194 -6.57 0.54 -16.61
C LYS A 194 -7.88 -0.25 -16.57
N SER A 195 -7.96 -1.23 -15.68
CA SER A 195 -9.15 -2.07 -15.55
C SER A 195 -10.24 -1.42 -14.70
N SER A 196 -11.38 -2.09 -14.60
CA SER A 196 -12.52 -1.60 -13.84
C SER A 196 -12.40 -1.84 -12.33
N LYS A 197 -11.38 -2.57 -11.92
CA LYS A 197 -11.16 -2.89 -10.52
C LYS A 197 -10.36 -1.81 -9.76
N TYR A 198 -9.50 -1.10 -10.48
CA TYR A 198 -8.68 -0.05 -9.87
C TYR A 198 -9.53 1.01 -9.15
N ILE A 199 -9.16 1.31 -7.90
CA ILE A 199 -9.85 2.32 -7.09
C ILE A 199 -8.84 3.47 -6.97
N ALA A 200 -9.10 4.56 -7.68
CA ALA A 200 -8.19 5.72 -7.70
C ALA A 200 -8.30 6.70 -6.53
N TRP A 201 -9.42 6.68 -5.83
CA TRP A 201 -9.62 7.62 -4.73
C TRP A 201 -10.79 7.11 -3.88
N PRO A 202 -10.82 7.45 -2.59
CA PRO A 202 -9.86 8.29 -1.86
C PRO A 202 -8.57 7.59 -1.38
N LEU A 203 -7.59 8.39 -0.98
CA LEU A 203 -6.32 7.87 -0.47
C LEU A 203 -6.54 7.35 0.95
N GLN A 204 -7.17 8.16 1.78
CA GLN A 204 -7.46 7.75 3.15
C GLN A 204 -8.97 7.58 3.27
N GLY A 205 -9.45 7.58 4.51
CA GLY A 205 -10.88 7.46 4.73
C GLY A 205 -11.54 8.72 4.22
N TRP A 206 -12.77 8.58 3.74
CA TRP A 206 -13.52 9.70 3.19
C TRP A 206 -13.61 10.95 4.08
N GLN A 207 -13.60 10.77 5.40
CA GLN A 207 -13.70 11.91 6.31
C GLN A 207 -12.42 12.70 6.57
N ALA A 208 -11.32 12.29 5.95
CA ALA A 208 -10.03 12.94 6.15
C ALA A 208 -9.96 14.30 5.47
N THR A 209 -9.17 15.21 6.05
CA THR A 209 -8.99 16.55 5.52
C THR A 209 -8.13 16.52 4.26
N PHE A 210 -7.30 15.50 4.17
CA PHE A 210 -6.43 15.29 3.00
C PHE A 210 -6.67 13.87 2.49
N GLY A 211 -6.69 13.70 1.18
CA GLY A 211 -6.90 12.39 0.60
C GLY A 211 -8.27 11.80 0.93
N GLY A 212 -9.21 12.66 1.27
CA GLY A 212 -10.56 12.21 1.59
C GLY A 212 -11.56 12.71 0.58
N GLY A 213 -12.85 12.49 0.84
CA GLY A 213 -13.89 12.92 -0.08
C GLY A 213 -14.22 11.82 -1.06
N ASP A 214 -15.30 11.97 -1.82
CA ASP A 214 -15.67 10.94 -2.79
C ASP A 214 -14.99 11.19 -4.12
N HIS A 215 -14.34 12.34 -4.26
CA HIS A 215 -13.65 12.67 -5.50
C HIS A 215 -12.37 13.47 -5.31
N PRO A 216 -11.36 13.22 -6.17
CA PRO A 216 -10.04 13.86 -6.16
C PRO A 216 -10.06 15.37 -5.99
N1 IBG B . -3.12 -2.58 12.01
CA1 IBG B . -4.43 -2.81 11.46
C1 IBG B . -4.20 -3.35 10.05
O11 IBG B . -4.95 -4.20 9.64
O12 IBG B . -3.26 -2.90 9.38
CB1 IBG B . -5.22 -1.49 11.50
CG1 IBG B . -6.60 -1.66 10.89
CD1 IBG B . -7.40 -0.38 10.81
OE1 IBG B . -6.97 0.73 11.23
N2 IBG B . -8.58 -0.57 10.25
CA2 IBG B . -9.51 0.54 10.03
C2 IBG B . -10.92 0.06 10.32
O2 IBG B . -11.90 0.76 9.93
CB2 IBG B . -9.47 1.03 8.59
SG2 IBG B . -7.87 1.61 7.94
N3 IBG B . -11.04 -1.09 10.98
CA3 IBG B . -12.32 -1.74 11.18
C3 IBG B . -12.77 -1.77 12.63
O31 IBG B . -13.84 -2.34 12.86
O32 IBG B . -12.05 -1.26 13.47
CS IBG B . -7.72 3.13 9.00
C1S IBG B . -6.26 3.62 8.95
C2S IBG B . -5.69 4.23 7.80
C3S IBG B . -4.33 4.68 7.83
I2S IBG B . -6.79 4.55 5.98
C4S IBG B . -3.53 4.53 8.95
C5S IBG B . -4.10 3.92 10.09
C6S IBG B . -5.45 3.46 10.10
#